data_8V1I
#
_entry.id   8V1I
#
_cell.length_a   137.063
_cell.length_b   137.063
_cell.length_c   135.805
_cell.angle_alpha   90.00
_cell.angle_beta   90.00
_cell.angle_gamma   120.00
#
_symmetry.space_group_name_H-M   'H 3 2'
#
loop_
_entity.id
_entity.type
_entity.pdbx_description
1 polymer mascRNA
2 non-polymer 'ACETATE ION'
3 non-polymer 1,2-ETHANEDIOL
4 non-polymer 'CALCIUM ION'
5 water water
#
_entity_poly.entity_id   1
_entity_poly.type   'polyribonucleotide'
_entity_poly.pdbx_seq_one_letter_code
;(GTP)AUGCUGGUGGUUGGCACUCCUGGUUUCCAGGACGGGGUUCAAAUCCCUGCGGCGUC
;
_entity_poly.pdbx_strand_id   B,A
#
loop_
_chem_comp.id
_chem_comp.type
_chem_comp.name
_chem_comp.formula
A RNA linking ADENOSINE-5'-MONOPHOSPHATE 'C10 H14 N5 O7 P'
ACT non-polymer 'ACETATE ION' 'C2 H3 O2 -1'
C RNA linking CYTIDINE-5'-MONOPHOSPHATE 'C9 H14 N3 O8 P'
CA non-polymer 'CALCIUM ION' 'Ca 2'
EDO non-polymer 1,2-ETHANEDIOL 'C2 H6 O2'
G RNA linking GUANOSINE-5'-MONOPHOSPHATE 'C10 H14 N5 O8 P'
GTP non-polymer GUANOSINE-5'-TRIPHOSPHATE 'C10 H16 N5 O14 P3'
U RNA linking URIDINE-5'-MONOPHOSPHATE 'C9 H13 N2 O9 P'
#
# COMPACT_ATOMS: atom_id res chain seq x y z
PG GTP A 1 9.67 -15.05 0.11
O1G GTP A 1 8.39 -15.86 0.03
O2G GTP A 1 10.71 -15.66 1.02
O3G GTP A 1 9.43 -13.59 0.39
O3B GTP A 1 10.31 -15.09 -1.37
PB GTP A 1 10.37 -16.24 -2.48
O1B GTP A 1 11.14 -15.74 -3.67
O2B GTP A 1 10.82 -17.51 -1.82
O3A GTP A 1 8.82 -16.36 -2.82
PA GTP A 1 7.77 -15.37 -3.54
O1A GTP A 1 7.36 -14.31 -2.58
O2A GTP A 1 8.36 -14.94 -4.84
O5' GTP A 1 6.54 -16.37 -3.82
C5' GTP A 1 5.62 -16.71 -2.76
C4' GTP A 1 4.73 -17.84 -3.21
O4' GTP A 1 5.54 -18.97 -3.62
C3' GTP A 1 3.76 -18.40 -2.16
O3' GTP A 1 2.51 -17.74 -2.18
C2' GTP A 1 3.66 -19.87 -2.52
O2' GTP A 1 2.76 -20.04 -3.60
C1' GTP A 1 5.09 -20.15 -2.98
N9 GTP A 1 6.05 -20.46 -1.92
C8 GTP A 1 7.16 -19.70 -1.62
N7 GTP A 1 7.88 -20.19 -0.64
C5 GTP A 1 7.19 -21.34 -0.27
C6 GTP A 1 7.50 -22.29 0.73
O6 GTP A 1 8.48 -22.29 1.49
N1 GTP A 1 6.55 -23.32 0.78
C2 GTP A 1 5.45 -23.41 -0.02
N2 GTP A 1 4.65 -24.46 0.18
N3 GTP A 1 5.15 -22.52 -0.98
C4 GTP A 1 6.07 -21.52 -1.05
PG GTP B 1 -1.57 11.86 -10.96
O1G GTP B 1 -1.94 12.80 -12.10
O2G GTP B 1 -0.52 12.44 -10.05
O3G GTP B 1 -2.77 11.34 -10.20
O3B GTP B 1 -0.84 10.58 -11.65
PB GTP B 1 -0.95 9.73 -13.01
O1B GTP B 1 0.00 8.57 -12.92
O2B GTP B 1 -0.81 10.68 -14.15
O3A GTP B 1 -2.46 9.18 -13.03
PA GTP B 1 -3.88 9.85 -13.33
O1A GTP B 1 -4.31 10.69 -12.16
O2A GTP B 1 -3.83 10.50 -14.68
O5' GTP B 1 -4.80 8.54 -13.39
C5' GTP B 1 -6.14 8.68 -13.91
C4' GTP B 1 -6.93 7.39 -13.71
O4' GTP B 1 -6.07 6.24 -13.91
C3' GTP B 1 -7.55 7.17 -12.34
O3' GTP B 1 -8.82 7.80 -12.24
C2' GTP B 1 -7.70 5.65 -12.34
O2' GTP B 1 -8.74 5.23 -13.20
C1' GTP B 1 -6.34 5.28 -12.92
N9 GTP B 1 -5.24 5.21 -11.96
C8 GTP B 1 -4.18 6.08 -11.85
N7 GTP B 1 -3.34 5.75 -10.91
C5 GTP B 1 -3.86 4.59 -10.36
C6 GTP B 1 -3.38 3.76 -9.32
O6 GTP B 1 -2.35 3.89 -8.64
N1 GTP B 1 -4.22 2.66 -9.10
C2 GTP B 1 -5.37 2.40 -9.79
N2 GTP B 1 -6.06 1.30 -9.42
N3 GTP B 1 -5.84 3.17 -10.77
C4 GTP B 1 -5.04 4.25 -11.01
C ACT C . 8.61 6.51 28.47
O ACT C . 8.10 6.19 29.57
OXT ACT C . 9.18 7.60 28.26
CH3 ACT C . 8.51 5.51 27.33
C ACT D . -4.20 2.76 14.80
O ACT D . -4.40 1.54 15.00
OXT ACT D . -4.97 3.49 14.13
CH3 ACT D . -2.94 3.40 15.41
C1 EDO E . 3.63 -32.95 3.33
O1 EDO E . 4.72 -33.60 2.70
C2 EDO E . 2.70 -32.29 2.37
O2 EDO E . 3.29 -31.30 1.55
CA CA F . 4.26 -13.10 6.55
CA CA G . 17.62 16.40 27.23
CA CA H . 4.25 5.04 23.04
CA CA I . 9.14 -14.66 -7.11
C ACT J . -31.45 30.44 8.83
O ACT J . -31.93 29.40 8.35
OXT ACT J . -30.22 30.69 8.85
CH3 ACT J . -32.41 31.47 9.44
C ACT K . -2.13 32.92 18.92
O ACT K . -1.70 32.73 20.04
OXT ACT K . -2.22 32.01 18.06
CH3 ACT K . -2.57 34.34 18.54
CA CA L . 9.81 34.74 22.74
CA CA M . -14.26 29.26 3.94
CA CA N . -22.08 36.80 9.10
CA CA O . 8.61 41.34 11.61
CA CA P . -6.45 31.52 12.98
CA CA Q . 1.89 31.81 27.02
#